data_6CJL
#
_entry.id   6CJL
#
_cell.length_a   73.100
_cell.length_b   73.100
_cell.length_c   109.514
_cell.angle_alpha   90.000
_cell.angle_beta   90.000
_cell.angle_gamma   90.000
#
_symmetry.space_group_name_H-M   'P 43'
#
loop_
_entity.id
_entity.type
_entity.pdbx_description
1 polymer 'Heat shock protein 90 homolog'
2 non-polymer RADICICOL
3 non-polymer 'MAGNESIUM ION'
4 water water
#
_entity_poly.entity_id   1
_entity_poly.type   'polypeptide(L)'
_entity_poly.pdbx_seq_one_letter_code
;MHHHHHHSSGRENLYFQGETHEFTAEISQLMSLIINTVYSNKEIFLRELISNASDALDKIRYQALSDPSQLESEPELFIR
IIPQKDQKVLEIRDSGIGMTKADLVNNLGTIAKSGTKSFMEALSAGADVSMIGQFGVGFYSLFLVADHVQVISKHNDDEQ
YVWESNAGGKFTVTLDETNERLGRGTMLRLFLKEDQLEYLEEKRIKEVVKKHSEFVAYPIQLVVTKEVEK
;
_entity_poly.pdbx_strand_id   A,B
#
# COMPACT_ATOMS: atom_id res chain seq x y z
N GLN A 17 -13.91 4.87 18.00
CA GLN A 17 -13.36 5.88 18.90
C GLN A 17 -13.05 7.16 18.12
N GLY A 18 -13.79 7.35 17.03
CA GLY A 18 -13.59 8.46 16.11
C GLY A 18 -14.27 9.79 16.45
N GLU A 19 -13.47 10.77 16.85
CA GLU A 19 -13.98 12.13 17.05
C GLU A 19 -14.59 12.67 15.76
N THR A 20 -15.74 13.32 15.89
CA THR A 20 -16.35 14.06 14.79
C THR A 20 -16.31 15.55 15.12
N HIS A 21 -15.98 16.35 14.11
CA HIS A 21 -15.87 17.78 14.25
C HIS A 21 -16.53 18.45 13.05
N GLU A 22 -16.88 19.72 13.23
CA GLU A 22 -17.42 20.54 12.16
C GLU A 22 -16.34 21.46 11.63
N PHE A 23 -16.33 21.67 10.31
CA PHE A 23 -15.43 22.64 9.72
C PHE A 23 -15.80 24.03 10.22
N THR A 24 -14.80 24.85 10.52
CA THR A 24 -15.12 26.23 10.85
C THR A 24 -15.70 26.92 9.62
N ALA A 25 -16.55 27.91 9.85
CA ALA A 25 -17.33 28.52 8.78
C ALA A 25 -16.45 28.97 7.62
N GLU A 26 -15.37 29.70 7.91
CA GLU A 26 -14.56 30.26 6.84
C GLU A 26 -13.98 29.16 5.95
N ILE A 27 -13.67 28.00 6.52
CA ILE A 27 -13.14 26.91 5.73
C ILE A 27 -14.24 26.29 4.88
N SER A 28 -15.44 26.14 5.45
CA SER A 28 -16.58 25.68 4.66
C SER A 28 -16.90 26.66 3.53
N GLN A 29 -16.82 27.96 3.80
CA GLN A 29 -17.01 28.95 2.74
C GLN A 29 -15.94 28.79 1.66
N LEU A 30 -14.68 28.57 2.07
CA LEU A 30 -13.61 28.43 1.10
C LEU A 30 -13.83 27.20 0.22
N MET A 31 -14.14 26.06 0.83
CA MET A 31 -14.40 24.87 0.02
C MET A 31 -15.59 25.10 -0.91
N SER A 32 -16.60 25.83 -0.44
CA SER A 32 -17.73 26.16 -1.31
C SER A 32 -17.24 26.89 -2.56
N LEU A 33 -16.48 27.96 -2.38
CA LEU A 33 -15.91 28.69 -3.50
C LEU A 33 -15.16 27.76 -4.44
N ILE A 34 -14.18 27.03 -3.89
CA ILE A 34 -13.33 26.18 -4.72
C ILE A 34 -14.17 25.19 -5.51
N ILE A 35 -15.08 24.49 -4.85
CA ILE A 35 -15.84 23.45 -5.52
C ILE A 35 -16.76 24.04 -6.59
N ASN A 36 -17.33 25.22 -6.34
CA ASN A 36 -18.40 25.72 -7.19
C ASN A 36 -18.00 26.81 -8.19
N THR A 37 -16.87 27.51 -8.03
CA THR A 37 -16.55 28.61 -8.93
C THR A 37 -15.25 28.46 -9.71
N VAL A 38 -14.43 27.44 -9.43
CA VAL A 38 -13.17 27.23 -10.14
C VAL A 38 -13.40 26.15 -11.17
N TYR A 39 -13.34 26.52 -12.45
CA TYR A 39 -13.65 25.61 -13.54
C TYR A 39 -12.43 25.10 -14.28
N SER A 40 -11.30 25.81 -14.22
CA SER A 40 -10.11 25.44 -14.96
C SER A 40 -8.91 25.28 -14.03
N ASN A 41 -7.81 24.83 -14.63
CA ASN A 41 -6.52 24.69 -13.97
C ASN A 41 -6.67 23.90 -12.67
N LYS A 42 -7.45 22.83 -12.73
CA LYS A 42 -7.65 21.99 -11.57
C LYS A 42 -6.42 21.16 -11.23
N GLU A 43 -5.50 21.02 -12.19
CA GLU A 43 -4.29 20.23 -12.01
C GLU A 43 -3.35 20.81 -10.97
N ILE A 44 -3.54 22.05 -10.54
CA ILE A 44 -2.62 22.65 -9.58
C ILE A 44 -2.71 21.98 -8.22
N PHE A 45 -3.71 21.13 -7.99
CA PHE A 45 -3.79 20.42 -6.71
C PHE A 45 -2.52 19.62 -6.46
N LEU A 46 -1.91 19.09 -7.50
CA LEU A 46 -0.74 18.24 -7.32
C LEU A 46 0.49 19.05 -6.96
N ARG A 47 0.66 20.23 -7.56
CA ARG A 47 1.72 21.13 -7.14
C ARG A 47 1.57 21.52 -5.68
N GLU A 48 0.33 21.77 -5.24
CA GLU A 48 0.12 22.24 -3.87
C GLU A 48 0.39 21.13 -2.86
N LEU A 49 0.01 19.90 -3.16
CA LEU A 49 0.23 18.80 -2.24
C LEU A 49 1.69 18.38 -2.21
N ILE A 50 2.38 18.50 -3.36
CA ILE A 50 3.82 18.25 -3.39
C ILE A 50 4.54 19.30 -2.57
N SER A 51 4.06 20.55 -2.61
CA SER A 51 4.67 21.60 -1.81
C SER A 51 4.48 21.37 -0.32
N ASN A 52 3.27 20.97 0.09
CA ASN A 52 3.03 20.64 1.48
C ASN A 52 3.95 19.50 1.92
N ALA A 53 4.12 18.50 1.05
CA ALA A 53 5.00 17.37 1.38
C ALA A 53 6.43 17.84 1.53
N SER A 54 6.91 18.64 0.59
CA SER A 54 8.28 19.14 0.64
C SER A 54 8.51 19.94 1.91
N ASP A 55 7.57 20.82 2.27
CA ASP A 55 7.69 21.57 3.52
C ASP A 55 7.77 20.62 4.70
N ALA A 56 6.91 19.60 4.72
CA ALA A 56 6.93 18.66 5.83
C ALA A 56 8.25 17.92 5.93
N LEU A 57 8.88 17.66 4.79
CA LEU A 57 10.19 17.03 4.78
C LEU A 57 11.26 18.01 5.27
N ASP A 58 11.17 19.28 4.86
CA ASP A 58 12.06 20.31 5.39
C ASP A 58 12.01 20.32 6.91
N LYS A 59 10.82 20.15 7.48
CA LYS A 59 10.64 20.32 8.92
C LYS A 59 11.29 19.18 9.69
N ILE A 60 11.13 17.94 9.24
CA ILE A 60 11.76 16.83 9.93
C ILE A 60 13.28 16.90 9.77
N ARG A 61 13.77 17.36 8.61
CA ARG A 61 15.21 17.54 8.44
C ARG A 61 15.75 18.55 9.44
N TYR A 62 15.05 19.65 9.61
CA TYR A 62 15.46 20.66 10.59
C TYR A 62 15.53 20.07 11.99
N GLN A 63 14.48 19.36 12.39
CA GLN A 63 14.50 18.69 13.70
C GLN A 63 15.65 17.72 13.78
N ALA A 64 15.98 17.04 12.69
CA ALA A 64 17.04 16.04 12.70
C ALA A 64 18.41 16.66 12.95
N LEU A 65 18.58 17.96 12.69
CA LEU A 65 19.83 18.63 13.02
C LEU A 65 20.10 18.58 14.53
N SER A 66 19.06 18.80 15.34
CA SER A 66 19.23 18.78 16.80
C SER A 66 19.03 17.40 17.40
N ASP A 67 18.43 16.47 16.69
CA ASP A 67 18.12 15.16 17.26
C ASP A 67 18.00 14.14 16.14
N PRO A 68 19.11 13.62 15.62
CA PRO A 68 19.04 12.71 14.46
C PRO A 68 18.25 11.43 14.71
N SER A 69 17.89 11.14 15.96
CA SER A 69 17.06 9.96 16.23
C SER A 69 15.67 10.12 15.63
N GLN A 70 15.25 11.37 15.38
CA GLN A 70 13.93 11.63 14.82
C GLN A 70 13.74 11.04 13.42
N LEU A 71 14.83 10.81 12.68
CA LEU A 71 14.72 10.21 11.36
C LEU A 71 14.62 8.69 11.39
N GLU A 72 14.96 8.07 12.54
CA GLU A 72 14.98 6.61 12.63
C GLU A 72 13.62 5.98 12.33
N SER A 73 12.53 6.67 12.65
CA SER A 73 11.20 6.10 12.43
C SER A 73 10.94 5.82 10.96
N GLU A 74 11.60 6.54 10.06
CA GLU A 74 11.47 6.34 8.62
C GLU A 74 12.66 7.00 7.95
N PRO A 75 13.74 6.25 7.68
CA PRO A 75 15.00 6.90 7.31
C PRO A 75 15.01 7.57 5.95
N GLU A 76 14.23 7.08 4.99
CA GLU A 76 14.27 7.64 3.64
C GLU A 76 13.31 8.81 3.53
N LEU A 77 13.75 9.85 2.83
CA LEU A 77 13.00 11.08 2.65
C LEU A 77 12.51 11.14 1.22
N PHE A 78 11.20 11.08 1.03
CA PHE A 78 10.65 10.93 -0.30
C PHE A 78 9.28 11.54 -0.39
N ILE A 79 8.88 11.84 -1.62
CA ILE A 79 7.50 12.15 -1.98
C ILE A 79 7.07 11.08 -2.97
N ARG A 80 5.93 10.45 -2.72
CA ARG A 80 5.52 9.27 -3.48
C ARG A 80 4.08 9.43 -3.92
N ILE A 81 3.84 9.28 -5.22
CA ILE A 81 2.51 9.39 -5.81
C ILE A 81 2.08 8.00 -6.25
N ILE A 82 0.91 7.57 -5.79
CA ILE A 82 0.47 6.20 -6.02
C ILE A 82 -0.94 6.19 -6.61
N PRO A 83 -1.09 6.13 -7.93
CA PRO A 83 -2.43 5.94 -8.51
C PRO A 83 -2.96 4.55 -8.19
N GLN A 84 -4.19 4.49 -7.68
CA GLN A 84 -4.88 3.24 -7.40
C GLN A 84 -6.14 3.20 -8.27
N LYS A 85 -5.99 2.68 -9.49
CA LYS A 85 -7.08 2.73 -10.46
C LYS A 85 -8.30 1.95 -10.00
N ASP A 86 -8.09 0.79 -9.38
CA ASP A 86 -9.22 -0.03 -8.95
C ASP A 86 -10.17 0.77 -8.07
N GLN A 87 -9.64 1.54 -7.15
CA GLN A 87 -10.43 2.31 -6.19
C GLN A 87 -10.71 3.72 -6.68
N LYS A 88 -10.19 4.10 -7.85
CA LYS A 88 -10.28 5.46 -8.34
C LYS A 88 -9.78 6.44 -7.29
N VAL A 89 -8.62 6.10 -6.71
CA VAL A 89 -8.00 6.89 -5.67
C VAL A 89 -6.59 7.25 -6.12
N LEU A 90 -6.19 8.50 -5.85
CA LEU A 90 -4.81 8.93 -6.02
C LEU A 90 -4.22 9.20 -4.64
N GLU A 91 -3.13 8.52 -4.31
CA GLU A 91 -2.45 8.70 -3.03
C GLU A 91 -1.18 9.53 -3.21
N ILE A 92 -0.91 10.40 -2.25
CA ILE A 92 0.32 11.17 -2.19
C ILE A 92 0.89 11.01 -0.79
N ARG A 93 2.05 10.36 -0.69
CA ARG A 93 2.67 10.05 0.59
C ARG A 93 4.00 10.77 0.72
N ASP A 94 4.28 11.25 1.93
CA ASP A 94 5.60 11.78 2.26
C ASP A 94 6.05 11.21 3.59
N SER A 95 7.36 11.20 3.79
CA SER A 95 7.99 10.83 5.06
C SER A 95 8.46 12.06 5.82
N GLY A 96 7.66 13.12 5.81
CA GLY A 96 7.97 14.32 6.53
C GLY A 96 7.65 14.19 8.00
N ILE A 97 7.42 15.35 8.63
CA ILE A 97 7.34 15.39 10.09
C ILE A 97 6.10 14.69 10.61
N GLY A 98 5.03 14.62 9.81
CA GLY A 98 3.80 14.00 10.26
C GLY A 98 3.00 14.90 11.18
N MET A 99 1.84 14.38 11.58
CA MET A 99 0.89 15.14 12.39
C MET A 99 0.31 14.29 13.50
N THR A 100 0.19 14.88 14.69
CA THR A 100 -0.53 14.27 15.78
C THR A 100 -2.03 14.41 15.55
N LYS A 101 -2.81 13.80 16.44
CA LYS A 101 -4.26 13.95 16.37
C LYS A 101 -4.68 15.41 16.44
N ALA A 102 -4.16 16.14 17.43
CA ALA A 102 -4.50 17.55 17.58
C ALA A 102 -4.04 18.35 16.37
N ASP A 103 -2.87 18.00 15.81
CA ASP A 103 -2.40 18.67 14.60
C ASP A 103 -3.39 18.48 13.46
N LEU A 104 -3.92 17.26 13.30
CA LEU A 104 -4.86 16.99 12.22
C LEU A 104 -6.15 17.77 12.42
N VAL A 105 -6.68 17.75 13.64
CA VAL A 105 -7.93 18.44 13.94
C VAL A 105 -7.79 19.94 13.65
N ASN A 106 -6.68 20.55 14.07
CA ASN A 106 -6.54 21.99 13.97
C ASN A 106 -6.09 22.42 12.57
N ASN A 107 -5.09 21.74 12.00
CA ASN A 107 -4.60 22.14 10.68
C ASN A 107 -5.67 21.92 9.60
N LEU A 108 -6.54 20.93 9.77
CA LEU A 108 -7.42 20.50 8.68
C LEU A 108 -8.91 20.65 8.99
N GLY A 109 -9.30 21.66 9.76
CA GLY A 109 -10.73 21.91 9.83
C GLY A 109 -11.26 22.88 10.86
N THR A 110 -10.78 22.79 12.09
CA THR A 110 -11.38 23.59 13.17
C THR A 110 -10.84 25.01 13.20
N ILE A 111 -9.58 25.22 12.84
CA ILE A 111 -8.98 26.55 12.84
C ILE A 111 -8.89 27.03 11.40
N ALA A 112 -9.54 28.14 11.10
CA ALA A 112 -9.39 28.78 9.81
C ALA A 112 -8.01 29.43 9.73
N LYS A 113 -7.22 29.08 8.72
CA LYS A 113 -5.92 29.70 8.56
C LYS A 113 -6.12 31.20 8.38
N SER A 114 -5.13 31.97 8.84
CA SER A 114 -5.23 33.43 8.73
C SER A 114 -5.61 33.85 7.31
N GLY A 115 -5.06 33.18 6.31
CA GLY A 115 -5.20 33.55 4.92
C GLY A 115 -6.49 33.15 4.24
N THR A 116 -7.36 32.41 4.92
CA THR A 116 -8.58 31.90 4.28
C THR A 116 -9.43 33.04 3.73
N LYS A 117 -9.82 33.99 4.58
CA LYS A 117 -10.64 35.10 4.09
C LYS A 117 -9.90 35.89 3.02
N SER A 118 -8.60 36.14 3.23
CA SER A 118 -7.80 36.89 2.26
C SER A 118 -7.80 36.19 0.91
N PHE A 119 -7.74 34.87 0.90
CA PHE A 119 -7.70 34.17 -0.38
C PHE A 119 -9.04 34.25 -1.09
N MET A 120 -10.13 34.17 -0.34
CA MET A 120 -11.45 34.29 -0.94
C MET A 120 -11.63 35.67 -1.57
N GLU A 121 -11.14 36.72 -0.89
CA GLU A 121 -11.22 38.06 -1.45
C GLU A 121 -10.34 38.19 -2.69
N ALA A 122 -9.18 37.53 -2.69
CA ALA A 122 -8.30 37.57 -3.85
C ALA A 122 -8.95 36.88 -5.05
N LEU A 123 -9.64 35.75 -4.82
CA LEU A 123 -10.34 35.08 -5.92
C LEU A 123 -11.39 36.00 -6.51
N SER A 124 -12.17 36.65 -5.65
CA SER A 124 -13.18 37.60 -6.08
C SER A 124 -12.57 38.75 -6.87
N ALA A 125 -11.33 39.11 -6.54
CA ALA A 125 -10.63 40.20 -7.21
C ALA A 125 -9.99 39.80 -8.54
N GLY A 126 -9.95 38.50 -8.86
CA GLY A 126 -9.41 38.03 -10.12
C GLY A 126 -8.23 37.09 -10.01
N ALA A 127 -7.80 36.70 -8.81
CA ALA A 127 -6.66 35.82 -8.69
C ALA A 127 -6.96 34.47 -9.32
N ASP A 128 -5.91 33.85 -9.86
CA ASP A 128 -6.01 32.47 -10.30
C ASP A 128 -5.91 31.57 -9.07
N VAL A 129 -6.61 30.43 -9.13
CA VAL A 129 -6.59 29.50 -8.00
C VAL A 129 -5.17 29.05 -7.72
N SER A 130 -4.30 29.05 -8.73
CA SER A 130 -2.89 28.70 -8.54
C SER A 130 -2.22 29.49 -7.42
N MET A 131 -2.80 30.61 -7.01
CA MET A 131 -2.22 31.47 -5.99
C MET A 131 -2.48 30.95 -4.58
N ILE A 132 -3.34 29.93 -4.45
CA ILE A 132 -3.85 29.47 -3.16
C ILE A 132 -2.75 29.19 -2.16
N GLY A 133 -1.59 28.70 -2.61
CA GLY A 133 -0.53 28.37 -1.67
C GLY A 133 0.11 29.57 -1.03
N GLN A 134 0.02 30.74 -1.67
CA GLN A 134 0.54 31.97 -1.08
C GLN A 134 -0.23 32.36 0.16
N PHE A 135 -1.46 31.85 0.30
CA PHE A 135 -2.32 32.12 1.44
C PHE A 135 -2.35 30.99 2.45
N GLY A 136 -1.57 29.93 2.24
CA GLY A 136 -1.43 28.89 3.22
C GLY A 136 -2.60 27.93 3.34
N VAL A 137 -3.44 27.82 2.31
CA VAL A 137 -4.58 26.92 2.33
C VAL A 137 -4.58 26.06 1.07
N GLY A 138 -3.39 25.76 0.55
CA GLY A 138 -3.29 24.96 -0.66
C GLY A 138 -3.88 23.57 -0.52
N PHE A 139 -3.96 23.05 0.71
CA PHE A 139 -4.58 21.76 0.95
C PHE A 139 -5.94 21.66 0.27
N TYR A 140 -6.73 22.71 0.33
CA TYR A 140 -8.14 22.65 -0.07
C TYR A 140 -8.37 22.68 -1.56
N SER A 141 -7.30 22.86 -2.35
CA SER A 141 -7.44 22.74 -3.80
C SER A 141 -7.70 21.31 -4.25
N LEU A 142 -7.46 20.33 -3.39
CA LEU A 142 -7.73 18.94 -3.76
C LEU A 142 -9.20 18.70 -4.00
N PHE A 143 -10.07 19.52 -3.41
CA PHE A 143 -11.51 19.38 -3.62
C PHE A 143 -11.94 19.82 -5.00
N LEU A 144 -11.01 20.34 -5.80
CA LEU A 144 -11.23 20.53 -7.22
C LEU A 144 -11.34 19.20 -7.97
N VAL A 145 -10.77 18.13 -7.43
CA VAL A 145 -10.67 16.88 -8.15
C VAL A 145 -11.22 15.72 -7.34
N ALA A 146 -11.57 15.98 -6.08
CA ALA A 146 -12.05 14.94 -5.20
C ALA A 146 -13.21 15.46 -4.36
N ASP A 147 -14.18 14.58 -4.09
CA ASP A 147 -15.28 14.87 -3.20
C ASP A 147 -15.08 14.28 -1.81
N HIS A 148 -14.26 13.24 -1.71
CA HIS A 148 -13.98 12.51 -0.48
C HIS A 148 -12.47 12.40 -0.33
N VAL A 149 -11.97 12.54 0.89
CA VAL A 149 -10.53 12.50 1.13
C VAL A 149 -10.22 11.93 2.52
N GLN A 150 -9.16 11.15 2.59
CA GLN A 150 -8.59 10.66 3.84
C GLN A 150 -7.17 11.21 3.99
N VAL A 151 -6.83 11.66 5.20
CA VAL A 151 -5.48 12.11 5.51
C VAL A 151 -4.94 11.22 6.61
N ILE A 152 -3.95 10.40 6.28
CA ILE A 152 -3.30 9.48 7.20
C ILE A 152 -2.00 10.13 7.64
N SER A 153 -1.73 10.14 8.95
CA SER A 153 -0.52 10.80 9.42
C SER A 153 0.06 10.10 10.63
N LYS A 154 1.39 10.18 10.73
CA LYS A 154 2.15 9.57 11.81
C LYS A 154 3.26 10.52 12.22
N HIS A 155 3.22 10.96 13.46
CA HIS A 155 4.24 11.82 14.07
C HIS A 155 5.02 11.02 15.10
N ASN A 156 6.30 11.33 15.25
CA ASN A 156 7.12 10.64 16.25
C ASN A 156 6.49 10.76 17.63
N ASP A 157 6.59 9.69 18.40
CA ASP A 157 6.09 9.64 19.78
C ASP A 157 4.57 9.75 19.84
N ASP A 158 3.88 9.48 18.74
CA ASP A 158 2.43 9.38 18.76
C ASP A 158 1.98 8.27 17.82
N GLU A 159 0.69 7.95 17.91
CA GLU A 159 0.09 6.90 17.10
C GLU A 159 -0.25 7.42 15.71
N GLN A 160 -0.63 6.49 14.83
CA GLN A 160 -1.08 6.82 13.49
C GLN A 160 -2.58 7.08 13.50
N TYR A 161 -2.99 8.17 12.86
CA TYR A 161 -4.38 8.59 12.83
C TYR A 161 -4.85 8.82 11.41
N VAL A 162 -6.18 8.83 11.23
CA VAL A 162 -6.79 9.07 9.93
CA VAL A 162 -6.80 9.07 9.94
C VAL A 162 -7.84 10.17 10.07
N TRP A 163 -7.72 11.19 9.25
CA TRP A 163 -8.68 12.27 9.12
C TRP A 163 -9.49 12.04 7.85
N GLU A 164 -10.80 12.22 7.92
CA GLU A 164 -11.65 11.89 6.78
C GLU A 164 -12.80 12.88 6.68
N SER A 165 -13.15 13.25 5.44
CA SER A 165 -14.27 14.14 5.19
C SER A 165 -14.79 13.89 3.78
N ASN A 166 -16.08 14.22 3.58
CA ASN A 166 -16.72 14.05 2.28
C ASN A 166 -17.18 15.38 1.71
N ALA A 167 -16.30 16.37 1.70
CA ALA A 167 -16.59 17.70 1.16
C ALA A 167 -17.93 18.23 1.70
N GLY A 168 -18.16 18.02 2.99
CA GLY A 168 -19.36 18.47 3.65
C GLY A 168 -19.01 19.33 4.85
N GLY A 169 -19.88 19.25 5.86
CA GLY A 169 -19.76 20.10 7.02
C GLY A 169 -18.99 19.50 8.17
N LYS A 170 -18.76 18.19 8.15
CA LYS A 170 -18.06 17.54 9.24
C LYS A 170 -16.90 16.70 8.73
N PHE A 171 -15.98 16.40 9.66
CA PHE A 171 -14.87 15.50 9.42
C PHE A 171 -14.65 14.68 10.68
N THR A 172 -13.97 13.55 10.53
CA THR A 172 -13.66 12.67 11.63
C THR A 172 -12.15 12.50 11.74
N VAL A 173 -11.69 12.26 12.96
CA VAL A 173 -10.32 11.85 13.22
C VAL A 173 -10.36 10.62 14.10
N THR A 174 -9.66 9.57 13.67
CA THR A 174 -9.78 8.26 14.25
C THR A 174 -8.39 7.64 14.39
N LEU A 175 -8.24 6.80 15.41
CA LEU A 175 -7.04 5.98 15.49
C LEU A 175 -6.99 5.07 14.28
N ASP A 176 -5.83 5.01 13.62
CA ASP A 176 -5.70 4.27 12.37
C ASP A 176 -5.44 2.81 12.66
N GLU A 177 -6.43 1.97 12.39
CA GLU A 177 -6.29 0.52 12.52
C GLU A 177 -6.61 -0.20 11.21
N THR A 178 -6.50 0.49 10.07
CA THR A 178 -6.84 -0.10 8.78
C THR A 178 -5.86 0.19 7.66
N ASN A 179 -4.92 1.11 7.80
CA ASN A 179 -4.03 1.48 6.71
C ASN A 179 -2.62 0.97 6.95
N GLU A 180 -1.84 0.94 5.88
CA GLU A 180 -0.43 0.56 6.02
C GLU A 180 0.28 1.53 6.95
N ARG A 181 1.25 1.02 7.69
CA ARG A 181 2.01 1.87 8.59
C ARG A 181 2.89 2.81 7.79
N LEU A 182 2.83 4.11 8.11
CA LEU A 182 3.65 5.09 7.42
C LEU A 182 5.06 5.17 8.00
N GLY A 183 5.25 4.76 9.24
CA GLY A 183 6.52 4.94 9.92
C GLY A 183 6.64 6.35 10.44
N ARG A 184 6.63 7.30 9.52
CA ARG A 184 6.57 8.72 9.83
C ARG A 184 6.14 9.44 8.56
N GLY A 185 5.30 10.46 8.70
CA GLY A 185 4.89 11.28 7.59
C GLY A 185 3.38 11.28 7.42
N THR A 186 2.94 11.49 6.18
CA THR A 186 1.55 11.75 5.89
C THR A 186 1.22 11.20 4.52
N MET A 187 0.03 10.60 4.38
CA MET A 187 -0.46 10.15 3.08
C MET A 187 -1.89 10.65 2.89
N LEU A 188 -2.09 11.38 1.79
CA LEU A 188 -3.43 11.78 1.36
C LEU A 188 -3.97 10.77 0.36
N ARG A 189 -5.23 10.38 0.54
CA ARG A 189 -5.94 9.50 -0.39
C ARG A 189 -7.10 10.29 -0.99
N LEU A 190 -6.98 10.63 -2.27
CA LEU A 190 -7.95 11.43 -2.99
C LEU A 190 -8.90 10.53 -3.75
N PHE A 191 -10.16 10.52 -3.34
CA PHE A 191 -11.21 9.77 -4.03
C PHE A 191 -11.70 10.65 -5.18
N LEU A 192 -11.17 10.40 -6.38
CA LEU A 192 -11.35 11.31 -7.50
C LEU A 192 -12.78 11.29 -8.02
N LYS A 193 -13.26 12.47 -8.42
CA LYS A 193 -14.53 12.58 -9.11
C LYS A 193 -14.48 11.84 -10.44
N GLU A 194 -15.66 11.53 -10.98
CA GLU A 194 -15.74 10.68 -12.16
C GLU A 194 -15.16 11.34 -13.39
N ASP A 195 -15.20 12.67 -13.49
CA ASP A 195 -14.64 13.36 -14.64
C ASP A 195 -13.19 13.77 -14.44
N GLN A 196 -12.57 13.39 -13.32
CA GLN A 196 -11.21 13.79 -13.00
C GLN A 196 -10.26 12.59 -12.94
N LEU A 197 -10.63 11.48 -13.56
CA LEU A 197 -9.84 10.27 -13.50
C LEU A 197 -8.60 10.31 -14.39
N GLU A 198 -8.37 11.41 -15.10
CA GLU A 198 -7.14 11.56 -15.86
C GLU A 198 -5.92 11.52 -14.96
N TYR A 199 -6.07 11.91 -13.69
CA TYR A 199 -4.97 11.99 -12.75
C TYR A 199 -4.56 10.65 -12.19
N LEU A 200 -5.15 9.55 -12.66
CA LEU A 200 -4.66 8.21 -12.35
C LEU A 200 -3.69 7.69 -13.40
N GLU A 201 -3.50 8.41 -14.50
CA GLU A 201 -2.67 7.93 -15.61
CA GLU A 201 -2.68 7.92 -15.61
C GLU A 201 -1.25 8.46 -15.48
N GLU A 202 -0.29 7.58 -15.69
CA GLU A 202 1.12 7.92 -15.54
C GLU A 202 1.53 9.12 -16.39
N LYS A 203 1.12 9.15 -17.66
CA LYS A 203 1.56 10.23 -18.53
CA LYS A 203 1.55 10.23 -18.54
C LYS A 203 1.01 11.58 -18.08
N ARG A 204 -0.24 11.61 -17.63
CA ARG A 204 -0.82 12.87 -17.15
C ARG A 204 -0.15 13.34 -15.87
N ILE A 205 0.11 12.41 -14.93
CA ILE A 205 0.76 12.79 -13.69
C ILE A 205 2.15 13.36 -13.97
N LYS A 206 2.92 12.69 -14.83
CA LYS A 206 4.24 13.19 -15.18
C LYS A 206 4.15 14.56 -15.82
N GLU A 207 3.17 14.78 -16.69
CA GLU A 207 3.04 16.09 -17.32
C GLU A 207 2.89 17.18 -16.28
N VAL A 208 1.96 16.98 -15.35
CA VAL A 208 1.64 17.98 -14.36
C VAL A 208 2.81 18.20 -13.41
N VAL A 209 3.45 17.11 -12.98
CA VAL A 209 4.54 17.21 -12.02
C VAL A 209 5.72 17.97 -12.61
N LYS A 210 6.08 17.67 -13.85
CA LYS A 210 7.23 18.31 -14.48
C LYS A 210 7.07 19.82 -14.61
N LYS A 211 5.84 20.34 -14.58
CA LYS A 211 5.66 21.77 -14.75
C LYS A 211 6.33 22.55 -13.60
N HIS A 212 6.21 22.07 -12.36
CA HIS A 212 6.71 22.81 -11.21
C HIS A 212 7.60 21.97 -10.31
N SER A 213 8.43 21.07 -10.87
CA SER A 213 9.23 20.20 -10.03
C SER A 213 10.72 20.47 -10.18
N GLU A 214 11.10 21.59 -10.80
CA GLU A 214 12.52 21.85 -11.01
C GLU A 214 13.25 22.21 -9.73
N PHE A 215 12.55 22.75 -8.73
CA PHE A 215 13.20 23.18 -7.50
C PHE A 215 12.61 22.46 -6.30
N VAL A 216 12.31 21.18 -6.47
CA VAL A 216 11.93 20.30 -5.38
C VAL A 216 13.17 19.48 -5.04
N ALA A 217 13.62 19.57 -3.80
CA ALA A 217 14.89 18.98 -3.43
C ALA A 217 14.81 17.48 -3.16
N TYR A 218 13.61 16.93 -3.13
CA TYR A 218 13.41 15.55 -2.72
C TYR A 218 12.99 14.69 -3.91
N PRO A 219 13.29 13.40 -3.88
CA PRO A 219 12.84 12.53 -4.97
C PRO A 219 11.32 12.44 -4.99
N ILE A 220 10.76 12.60 -6.18
CA ILE A 220 9.33 12.41 -6.40
C ILE A 220 9.16 11.07 -7.10
N GLN A 221 8.63 10.10 -6.37
CA GLN A 221 8.49 8.75 -6.87
C GLN A 221 7.06 8.53 -7.34
N LEU A 222 6.93 7.91 -8.49
CA LEU A 222 5.63 7.54 -9.05
C LEU A 222 5.55 6.03 -9.12
N VAL A 223 4.52 5.48 -8.49
CA VAL A 223 4.29 4.04 -8.44
C VAL A 223 3.26 3.70 -9.51
N VAL A 224 3.66 2.91 -10.50
CA VAL A 224 2.80 2.53 -11.61
CA VAL A 224 2.80 2.53 -11.61
C VAL A 224 2.64 1.01 -11.61
N THR A 225 1.40 0.57 -11.74
CA THR A 225 1.05 -0.84 -11.79
C THR A 225 0.75 -1.21 -13.23
N LYS A 226 1.47 -2.20 -13.75
CA LYS A 226 1.30 -2.65 -15.12
C LYS A 226 1.25 -4.17 -15.16
N GLU A 227 0.28 -4.70 -15.92
CA GLU A 227 0.19 -6.13 -16.12
C GLU A 227 1.39 -6.65 -16.90
N VAL A 228 1.95 -7.77 -16.47
CA VAL A 228 3.05 -8.37 -17.20
C VAL A 228 2.48 -9.04 -18.44
N GLU A 229 2.94 -8.61 -19.61
CA GLU A 229 2.56 -9.21 -20.88
C GLU A 229 3.63 -10.19 -21.34
N LYS A 230 3.30 -10.94 -22.39
CA LYS A 230 4.16 -11.90 -23.10
C LYS A 230 3.35 -13.16 -23.38
N GLN B 17 -3.74 -9.88 21.85
CA GLN B 17 -4.56 -11.06 21.59
C GLN B 17 -3.92 -11.93 20.51
N GLY B 18 -2.60 -11.84 20.38
CA GLY B 18 -1.93 -12.59 19.34
C GLY B 18 -1.67 -14.02 19.77
N GLU B 19 -2.47 -14.97 19.25
CA GLU B 19 -2.18 -16.36 19.51
C GLU B 19 -0.80 -16.72 18.99
N THR B 20 -0.05 -17.43 19.81
CA THR B 20 1.23 -18.00 19.41
C THR B 20 1.13 -19.51 19.44
N HIS B 21 1.68 -20.16 18.41
CA HIS B 21 1.60 -21.60 18.31
C HIS B 21 2.96 -22.13 17.90
N GLU B 22 3.16 -23.43 18.11
CA GLU B 22 4.38 -24.10 17.71
C GLU B 22 4.17 -24.81 16.37
N PHE B 23 5.18 -24.78 15.52
CA PHE B 23 5.12 -25.52 14.28
C PHE B 23 5.06 -27.01 14.57
N THR B 24 4.23 -27.72 13.82
CA THR B 24 4.22 -29.18 13.93
C THR B 24 5.55 -29.71 13.42
N ALA B 25 5.94 -30.88 13.95
CA ALA B 25 7.28 -31.42 13.68
C ALA B 25 7.57 -31.52 12.19
N GLU B 26 6.68 -32.14 11.42
CA GLU B 26 6.97 -32.38 10.01
C GLU B 26 7.13 -31.07 9.24
N ILE B 27 6.42 -30.02 9.63
CA ILE B 27 6.54 -28.74 8.93
C ILE B 27 7.85 -28.05 9.29
N SER B 28 8.21 -28.06 10.57
CA SER B 28 9.50 -27.51 10.98
C SER B 28 10.65 -28.26 10.32
N GLN B 29 10.52 -29.58 10.22
CA GLN B 29 11.52 -30.39 9.52
C GLN B 29 11.61 -29.99 8.05
N LEU B 30 10.47 -29.76 7.41
CA LEU B 30 10.46 -29.40 6.00
C LEU B 30 11.15 -28.06 5.76
N MET B 31 10.80 -27.04 6.54
CA MET B 31 11.40 -25.72 6.35
C MET B 31 12.90 -25.77 6.52
N SER B 32 13.38 -26.53 7.51
CA SER B 32 14.81 -26.69 7.69
C SER B 32 15.47 -27.21 6.43
N LEU B 33 14.93 -28.29 5.87
CA LEU B 33 15.44 -28.81 4.61
C LEU B 33 15.53 -27.69 3.58
N ILE B 34 14.39 -27.06 3.28
CA ILE B 34 14.33 -26.08 2.20
C ILE B 34 15.30 -24.93 2.45
N ILE B 35 15.29 -24.36 3.67
CA ILE B 35 16.09 -23.18 3.95
C ILE B 35 17.58 -23.46 3.77
N ASN B 36 18.01 -24.70 4.00
CA ASN B 36 19.42 -25.04 3.98
C ASN B 36 19.88 -25.57 2.63
N THR B 37 18.95 -25.96 1.77
CA THR B 37 19.29 -26.58 0.51
C THR B 37 20.13 -25.67 -0.38
N VAL B 38 20.94 -26.32 -1.21
CA VAL B 38 21.75 -25.63 -2.21
C VAL B 38 21.03 -25.84 -3.54
N TYR B 39 20.21 -24.88 -3.93
CA TYR B 39 19.55 -24.95 -5.22
C TYR B 39 19.98 -23.81 -6.11
N SER B 40 19.78 -24.06 -7.40
CA SER B 40 20.19 -23.20 -8.49
C SER B 40 19.00 -22.61 -9.22
N ASN B 41 17.84 -23.23 -9.06
CA ASN B 41 16.58 -22.76 -9.62
C ASN B 41 15.65 -22.30 -8.50
N LYS B 42 16.16 -21.41 -7.63
CA LYS B 42 15.35 -20.85 -6.57
C LYS B 42 14.23 -19.96 -7.10
N GLU B 43 14.30 -19.54 -8.36
CA GLU B 43 13.29 -18.66 -8.92
C GLU B 43 11.92 -19.32 -9.00
N ILE B 44 11.83 -20.64 -8.80
CA ILE B 44 10.55 -21.33 -8.84
C ILE B 44 9.64 -20.99 -7.68
N PHE B 45 10.15 -20.32 -6.64
CA PHE B 45 9.28 -19.91 -5.54
C PHE B 45 8.15 -19.04 -6.07
N LEU B 46 8.44 -18.20 -7.06
CA LEU B 46 7.44 -17.27 -7.55
C LEU B 46 6.36 -17.99 -8.35
N ARG B 47 6.77 -18.99 -9.14
CA ARG B 47 5.80 -19.82 -9.83
C ARG B 47 4.84 -20.47 -8.83
N GLU B 48 5.37 -20.92 -7.70
CA GLU B 48 4.56 -21.65 -6.73
C GLU B 48 3.56 -20.72 -6.06
N LEU B 49 4.00 -19.49 -5.75
CA LEU B 49 3.11 -18.55 -5.09
C LEU B 49 2.08 -17.98 -6.03
N ILE B 50 2.44 -17.80 -7.30
CA ILE B 50 1.48 -17.37 -8.30
C ILE B 50 0.45 -18.47 -8.53
N SER B 51 0.89 -19.72 -8.49
CA SER B 51 -0.04 -20.83 -8.66
C SER B 51 -1.03 -20.90 -7.49
N ASN B 52 -0.53 -20.71 -6.26
CA ASN B 52 -1.43 -20.65 -5.11
C ASN B 52 -2.43 -19.51 -5.27
N ALA B 53 -1.95 -18.36 -5.75
CA ALA B 53 -2.84 -17.22 -5.95
C ALA B 53 -3.90 -17.53 -6.99
N SER B 54 -3.50 -18.14 -8.11
CA SER B 54 -4.45 -18.47 -9.16
C SER B 54 -5.52 -19.42 -8.64
N ASP B 55 -5.12 -20.43 -7.86
CA ASP B 55 -6.07 -21.34 -7.25
C ASP B 55 -7.06 -20.61 -6.36
N ALA B 56 -6.57 -19.69 -5.53
CA ALA B 56 -7.46 -18.97 -4.62
C ALA B 56 -8.47 -18.12 -5.39
N LEU B 57 -8.05 -17.56 -6.52
CA LEU B 57 -8.94 -16.78 -7.36
C LEU B 57 -9.98 -17.66 -8.05
N ASP B 58 -9.56 -18.82 -8.55
CA ASP B 58 -10.52 -19.76 -9.11
C ASP B 58 -11.65 -20.03 -8.11
N LYS B 59 -11.30 -20.16 -6.83
CA LYS B 59 -12.29 -20.60 -5.85
C LYS B 59 -13.32 -19.52 -5.57
N ILE B 60 -12.89 -18.27 -5.41
CA ILE B 60 -13.86 -17.22 -5.17
C ILE B 60 -14.67 -16.98 -6.43
N ARG B 61 -14.04 -17.11 -7.60
CA ARG B 61 -14.76 -16.95 -8.85
C ARG B 61 -15.89 -17.96 -8.96
N TYR B 62 -15.60 -19.22 -8.65
CA TYR B 62 -16.61 -20.25 -8.71
C TYR B 62 -17.73 -19.99 -7.71
N GLN B 63 -17.36 -19.70 -6.45
CA GLN B 63 -18.35 -19.39 -5.43
C GLN B 63 -19.24 -18.21 -5.84
N ALA B 64 -18.66 -17.23 -6.53
CA ALA B 64 -19.41 -16.04 -6.92
C ALA B 64 -20.48 -16.33 -7.96
N LEU B 65 -20.39 -17.46 -8.69
CA LEU B 65 -21.43 -17.77 -9.66
C LEU B 65 -22.78 -17.94 -8.97
N SER B 66 -22.80 -18.61 -7.82
CA SER B 66 -24.01 -18.85 -7.05
C SER B 66 -24.34 -17.71 -6.09
N ASP B 67 -23.41 -16.82 -5.84
CA ASP B 67 -23.59 -15.74 -4.85
C ASP B 67 -22.69 -14.60 -5.24
N PRO B 68 -23.11 -13.78 -6.22
CA PRO B 68 -22.23 -12.70 -6.71
C PRO B 68 -21.91 -11.68 -5.66
N SER B 69 -22.58 -11.73 -4.51
CA SER B 69 -22.28 -10.81 -3.41
C SER B 69 -20.90 -11.04 -2.84
N GLN B 70 -20.36 -12.24 -3.01
CA GLN B 70 -19.04 -12.60 -2.50
C GLN B 70 -17.92 -11.80 -3.16
N LEU B 71 -18.12 -11.26 -4.36
CA LEU B 71 -17.09 -10.44 -4.99
C LEU B 71 -17.12 -8.99 -4.55
N GLU B 72 -18.20 -8.53 -3.93
CA GLU B 72 -18.34 -7.11 -3.63
C GLU B 72 -17.18 -6.60 -2.79
N SER B 73 -16.65 -7.46 -1.91
CA SER B 73 -15.56 -7.06 -1.02
C SER B 73 -14.31 -6.66 -1.80
N GLU B 74 -14.15 -7.18 -3.00
CA GLU B 74 -13.02 -6.84 -3.85
C GLU B 74 -13.36 -7.31 -5.26
N PRO B 75 -13.99 -6.44 -6.07
CA PRO B 75 -14.60 -6.92 -7.32
C PRO B 75 -13.59 -7.38 -8.36
N GLU B 76 -12.34 -6.88 -8.30
CA GLU B 76 -11.33 -7.23 -9.28
C GLU B 76 -10.62 -8.52 -8.88
N LEU B 77 -10.32 -9.36 -9.88
CA LEU B 77 -9.59 -10.60 -9.70
C LEU B 77 -8.21 -10.41 -10.30
N PHE B 78 -7.17 -10.42 -9.46
CA PHE B 78 -5.84 -10.06 -9.91
C PHE B 78 -4.79 -10.75 -9.05
N ILE B 79 -3.59 -10.83 -9.60
CA ILE B 79 -2.38 -11.17 -8.87
C ILE B 79 -1.43 -9.99 -9.00
N ARG B 80 -0.90 -9.52 -7.88
CA ARG B 80 -0.14 -8.28 -7.86
C ARG B 80 1.18 -8.50 -7.12
N ILE B 81 2.28 -8.14 -7.77
CA ILE B 81 3.62 -8.29 -7.21
C ILE B 81 4.16 -6.91 -6.91
N ILE B 82 4.59 -6.70 -5.66
CA ILE B 82 5.00 -5.36 -5.22
C ILE B 82 6.38 -5.43 -4.57
N PRO B 83 7.44 -5.17 -5.32
CA PRO B 83 8.76 -5.03 -4.69
C PRO B 83 8.84 -3.78 -3.83
N GLN B 84 9.28 -3.95 -2.58
CA GLN B 84 9.50 -2.86 -1.63
CA GLN B 84 9.49 -2.86 -1.63
C GLN B 84 10.99 -2.81 -1.34
N LYS B 85 11.72 -2.04 -2.15
CA LYS B 85 13.18 -2.04 -2.05
C LYS B 85 13.67 -1.50 -0.72
N ASP B 86 13.05 -0.44 -0.21
CA ASP B 86 13.49 0.13 1.06
C ASP B 86 13.48 -0.92 2.16
N GLN B 87 12.45 -1.76 2.18
CA GLN B 87 12.28 -2.77 3.22
C GLN B 87 12.93 -4.10 2.87
N LYS B 88 13.49 -4.24 1.67
CA LYS B 88 13.97 -5.53 1.18
C LYS B 88 12.87 -6.59 1.29
N VAL B 89 11.66 -6.22 0.89
CA VAL B 89 10.49 -7.09 0.95
C VAL B 89 9.89 -7.23 -0.44
N LEU B 90 9.51 -8.44 -0.81
CA LEU B 90 8.73 -8.69 -2.01
C LEU B 90 7.34 -9.14 -1.59
N GLU B 91 6.32 -8.40 -2.00
CA GLU B 91 4.94 -8.73 -1.69
C GLU B 91 4.27 -9.37 -2.90
N ILE B 92 3.44 -10.37 -2.63
CA ILE B 92 2.64 -11.03 -3.66
C ILE B 92 1.22 -11.04 -3.14
N ARG B 93 0.34 -10.28 -3.79
CA ARG B 93 -1.03 -10.11 -3.34
C ARG B 93 -1.99 -10.71 -4.36
N ASP B 94 -3.04 -11.35 -3.87
CA ASP B 94 -4.15 -11.80 -4.72
C ASP B 94 -5.47 -11.43 -4.06
N SER B 95 -6.50 -11.33 -4.89
CA SER B 95 -7.87 -11.10 -4.45
C SER B 95 -8.68 -12.39 -4.48
N GLY B 96 -8.07 -13.51 -4.10
CA GLY B 96 -8.77 -14.76 -4.05
C GLY B 96 -9.64 -14.88 -2.83
N ILE B 97 -9.97 -16.12 -2.47
CA ILE B 97 -10.99 -16.38 -1.46
C ILE B 97 -10.51 -15.99 -0.07
N GLY B 98 -9.21 -15.99 0.19
CA GLY B 98 -8.70 -15.65 1.49
C GLY B 98 -8.81 -16.78 2.50
N MET B 99 -8.36 -16.49 3.73
CA MET B 99 -8.27 -17.48 4.78
C MET B 99 -8.82 -16.92 6.09
N THR B 100 -9.56 -17.76 6.82
CA THR B 100 -10.00 -17.43 8.16
C THR B 100 -8.83 -17.56 9.15
N LYS B 101 -9.09 -17.15 10.40
CA LYS B 101 -8.10 -17.34 11.45
C LYS B 101 -7.75 -18.81 11.57
N ALA B 102 -8.78 -19.67 11.62
CA ALA B 102 -8.55 -21.11 11.69
C ALA B 102 -7.82 -21.61 10.46
N ASP B 103 -8.15 -21.09 9.27
CA ASP B 103 -7.43 -21.49 8.06
C ASP B 103 -5.94 -21.16 8.20
N LEU B 104 -5.62 -19.99 8.73
CA LEU B 104 -4.23 -19.58 8.87
C LEU B 104 -3.49 -20.47 9.85
N VAL B 105 -4.11 -20.74 11.01
CA VAL B 105 -3.47 -21.58 12.01
C VAL B 105 -3.22 -22.98 11.47
N ASN B 106 -4.21 -23.55 10.78
CA ASN B 106 -4.10 -24.94 10.38
C ASN B 106 -3.30 -25.11 9.10
N ASN B 107 -3.58 -24.28 8.09
CA ASN B 107 -2.94 -24.47 6.80
C ASN B 107 -1.44 -24.21 6.86
N LEU B 108 -0.98 -23.33 7.74
CA LEU B 108 0.38 -22.81 7.69
C LEU B 108 1.20 -23.10 8.94
N GLY B 109 0.99 -24.23 9.61
CA GLY B 109 1.92 -24.58 10.67
C GLY B 109 1.54 -25.73 11.55
N THR B 110 0.29 -25.81 11.98
CA THR B 110 -0.10 -26.81 12.96
C THR B 110 -0.47 -28.15 12.34
N ILE B 111 -1.11 -28.14 11.19
CA ILE B 111 -1.53 -29.37 10.52
C ILE B 111 -0.59 -29.58 9.35
N ALA B 112 0.17 -30.67 9.38
CA ALA B 112 1.01 -31.00 8.24
C ALA B 112 0.11 -31.48 7.11
N LYS B 113 0.12 -30.76 6.00
CA LYS B 113 -0.70 -31.14 4.86
C LYS B 113 -0.24 -32.47 4.29
N SER B 114 -1.18 -33.26 3.80
CA SER B 114 -0.83 -34.49 3.11
C SER B 114 0.17 -34.17 2.00
N GLY B 115 1.27 -34.90 1.96
CA GLY B 115 2.34 -34.65 1.03
C GLY B 115 3.53 -33.94 1.61
N THR B 116 3.43 -33.43 2.83
CA THR B 116 4.57 -32.80 3.48
C THR B 116 5.70 -33.80 3.65
N LYS B 117 5.40 -34.92 4.31
CA LYS B 117 6.40 -35.97 4.49
C LYS B 117 6.88 -36.54 3.16
N SER B 118 5.94 -36.77 2.23
CA SER B 118 6.32 -37.35 0.94
C SER B 118 7.33 -36.47 0.22
N PHE B 119 7.16 -35.15 0.28
CA PHE B 119 8.08 -34.26 -0.40
C PHE B 119 9.44 -34.22 0.29
N MET B 120 9.45 -34.23 1.62
CA MET B 120 10.72 -34.26 2.33
C MET B 120 11.52 -35.51 2.00
N GLU B 121 10.84 -36.66 1.93
CA GLU B 121 11.53 -37.90 1.58
C GLU B 121 12.06 -37.84 0.15
N ALA B 122 11.30 -37.24 -0.76
CA ALA B 122 11.77 -37.08 -2.14
C ALA B 122 12.97 -36.15 -2.20
N LEU B 123 12.91 -35.05 -1.44
CA LEU B 123 14.00 -34.08 -1.41
C LEU B 123 15.28 -34.71 -0.87
N SER B 124 15.16 -35.42 0.25
CA SER B 124 16.32 -36.08 0.83
C SER B 124 16.93 -37.09 -0.13
N ALA B 125 16.10 -37.74 -0.95
CA ALA B 125 16.59 -38.71 -1.91
C ALA B 125 17.20 -38.07 -3.14
N GLY B 126 17.08 -36.75 -3.29
CA GLY B 126 17.72 -36.03 -4.37
C GLY B 126 16.78 -35.33 -5.33
N ALA B 127 15.47 -35.38 -5.10
CA ALA B 127 14.52 -34.79 -6.04
C ALA B 127 14.75 -33.29 -6.18
N ASP B 128 14.37 -32.75 -7.33
CA ASP B 128 14.43 -31.30 -7.53
C ASP B 128 13.29 -30.63 -6.78
N VAL B 129 13.57 -29.43 -6.26
CA VAL B 129 12.55 -28.66 -5.53
C VAL B 129 11.40 -28.30 -6.43
N SER B 130 11.70 -28.10 -7.71
CA SER B 130 10.67 -27.78 -8.69
C SER B 130 9.47 -28.71 -8.56
N MET B 131 9.66 -29.86 -7.91
CA MET B 131 8.63 -30.86 -7.72
C MET B 131 7.67 -30.54 -6.58
N ILE B 132 8.00 -29.55 -5.73
CA ILE B 132 7.29 -29.30 -4.47
C ILE B 132 5.79 -29.07 -4.69
N GLY B 133 5.41 -28.39 -5.78
CA GLY B 133 4.01 -28.02 -5.92
C GLY B 133 3.11 -29.19 -6.18
N GLN B 134 3.65 -30.27 -6.73
CA GLN B 134 2.88 -31.50 -6.95
C GLN B 134 2.52 -32.18 -5.66
N PHE B 135 3.19 -31.83 -4.56
CA PHE B 135 2.86 -32.35 -3.24
C PHE B 135 2.02 -31.35 -2.46
N GLY B 136 1.65 -30.23 -3.08
CA GLY B 136 0.73 -29.30 -2.51
C GLY B 136 1.29 -28.45 -1.38
N VAL B 137 2.60 -28.29 -1.32
CA VAL B 137 3.22 -27.51 -0.24
C VAL B 137 4.18 -26.49 -0.84
N GLY B 138 3.85 -25.98 -2.02
CA GLY B 138 4.69 -25.00 -2.69
C GLY B 138 4.90 -23.73 -1.88
N PHE B 139 4.01 -23.45 -0.94
CA PHE B 139 4.17 -22.28 -0.08
C PHE B 139 5.57 -22.20 0.52
N TYR B 140 6.12 -23.33 0.96
CA TYR B 140 7.36 -23.31 1.74
C TYR B 140 8.60 -23.12 0.89
N SER B 141 8.46 -23.10 -0.44
CA SER B 141 9.58 -22.77 -1.31
C SER B 141 9.97 -21.30 -1.19
N LEU B 142 9.13 -20.45 -0.58
CA LEU B 142 9.50 -19.06 -0.39
C LEU B 142 10.73 -18.93 0.49
N PHE B 143 10.99 -19.92 1.34
CA PHE B 143 12.16 -19.93 2.19
C PHE B 143 13.44 -20.22 1.44
N LEU B 144 13.35 -20.50 0.14
CA LEU B 144 14.52 -20.51 -0.71
C LEU B 144 15.15 -19.12 -0.80
N VAL B 145 14.35 -18.07 -0.61
CA VAL B 145 14.79 -16.70 -0.85
C VAL B 145 14.49 -15.77 0.30
N ALA B 146 13.77 -16.27 1.31
CA ALA B 146 13.39 -15.43 2.43
C ALA B 146 13.55 -16.21 3.73
N ASP B 147 13.91 -15.48 4.79
CA ASP B 147 14.02 -16.03 6.14
C ASP B 147 12.84 -15.68 7.03
N HIS B 148 12.13 -14.60 6.74
CA HIS B 148 11.00 -14.14 7.54
C HIS B 148 9.85 -13.91 6.57
N VAL B 149 8.63 -14.25 6.99
CA VAL B 149 7.48 -14.11 6.10
C VAL B 149 6.25 -13.74 6.92
N GLN B 150 5.45 -12.83 6.37
CA GLN B 150 4.15 -12.49 6.91
C GLN B 150 3.09 -12.85 5.88
N VAL B 151 1.99 -13.44 6.34
CA VAL B 151 0.86 -13.77 5.49
C VAL B 151 -0.35 -13.02 6.02
N ILE B 152 -0.81 -12.04 5.27
CA ILE B 152 -1.98 -11.25 5.60
C ILE B 152 -3.14 -11.81 4.80
N SER B 153 -4.27 -12.05 5.45
CA SER B 153 -5.37 -12.68 4.74
C SER B 153 -6.69 -12.16 5.23
N LYS B 154 -7.66 -12.09 4.31
CA LYS B 154 -9.00 -11.60 4.59
C LYS B 154 -9.98 -12.48 3.82
N HIS B 155 -10.85 -13.16 4.55
CA HIS B 155 -11.91 -13.99 4.01
C HIS B 155 -13.23 -13.28 4.26
N ASN B 156 -14.18 -13.45 3.35
CA ASN B 156 -15.49 -12.84 3.56
C ASN B 156 -16.08 -13.29 4.89
N ASP B 157 -16.76 -12.37 5.56
CA ASP B 157 -17.44 -12.63 6.83
C ASP B 157 -16.48 -12.98 7.97
N ASP B 158 -15.20 -12.63 7.83
CA ASP B 158 -14.25 -12.72 8.93
C ASP B 158 -13.33 -11.52 8.87
N GLU B 159 -12.54 -11.34 9.92
CA GLU B 159 -11.64 -10.20 9.99
C GLU B 159 -10.35 -10.48 9.23
N GLN B 160 -9.53 -9.44 9.08
CA GLN B 160 -8.22 -9.57 8.48
C GLN B 160 -7.22 -9.98 9.55
N TYR B 161 -6.40 -10.98 9.25
CA TYR B 161 -5.44 -11.51 10.20
C TYR B 161 -4.06 -11.51 9.58
N VAL B 162 -3.04 -11.56 10.43
CA VAL B 162 -1.65 -11.66 10.01
C VAL B 162 -1.03 -12.87 10.67
N TRP B 163 -0.47 -13.74 9.86
CA TRP B 163 0.32 -14.88 10.31
C TRP B 163 1.78 -14.52 10.13
N GLU B 164 2.60 -14.81 11.13
CA GLU B 164 4.00 -14.40 11.07
C GLU B 164 4.92 -15.42 11.71
N SER B 165 6.06 -15.64 11.07
CA SER B 165 7.11 -16.49 11.62
C SER B 165 8.44 -16.05 11.03
N ASN B 166 9.45 -15.98 11.89
CA ASN B 166 10.80 -15.62 11.45
C ASN B 166 11.77 -16.68 11.97
N GLY B 169 11.04 -21.55 16.37
CA GLY B 169 10.14 -22.41 15.62
C GLY B 169 8.69 -22.29 16.03
N LYS B 170 8.24 -21.05 16.19
CA LYS B 170 6.88 -20.73 16.57
C LYS B 170 6.35 -19.70 15.58
N PHE B 171 5.02 -19.57 15.53
CA PHE B 171 4.40 -18.56 14.69
C PHE B 171 3.24 -17.94 15.45
N THR B 172 2.86 -16.75 15.02
CA THR B 172 1.76 -16.03 15.63
C THR B 172 0.70 -15.73 14.58
N VAL B 173 -0.54 -15.65 15.04
CA VAL B 173 -1.65 -15.17 14.23
C VAL B 173 -2.35 -14.09 15.06
N THR B 174 -2.52 -12.92 14.45
CA THR B 174 -3.02 -11.76 15.18
C THR B 174 -4.04 -11.05 14.30
N LEU B 175 -5.00 -10.42 14.94
CA LEU B 175 -5.92 -9.54 14.23
C LEU B 175 -5.09 -8.41 13.61
N ASP B 176 -5.34 -8.14 12.33
CA ASP B 176 -4.53 -7.18 11.58
C ASP B 176 -5.07 -5.78 11.83
N GLU B 177 -4.31 -4.97 12.57
CA GLU B 177 -4.63 -3.56 12.77
C GLU B 177 -3.47 -2.66 12.36
N THR B 178 -2.60 -3.14 11.45
CA THR B 178 -1.43 -2.40 11.03
C THR B 178 -1.20 -2.37 9.52
N ASN B 179 -1.87 -3.20 8.73
CA ASN B 179 -1.61 -3.28 7.30
C ASN B 179 -2.78 -2.74 6.49
N GLU B 180 -2.48 -2.45 5.22
CA GLU B 180 -3.50 -2.06 4.26
CA GLU B 180 -3.51 -2.06 4.27
C GLU B 180 -4.62 -3.09 4.23
N ARG B 181 -5.86 -2.61 4.11
CA ARG B 181 -6.98 -3.52 3.96
C ARG B 181 -6.90 -4.22 2.61
N LEU B 182 -7.04 -5.54 2.62
CA LEU B 182 -7.03 -6.31 1.39
C LEU B 182 -8.38 -6.32 0.70
N GLY B 183 -9.46 -6.09 1.45
CA GLY B 183 -10.80 -6.25 0.92
C GLY B 183 -11.20 -7.71 0.96
N ARG B 184 -10.45 -8.52 0.21
CA ARG B 184 -10.57 -9.97 0.22
C ARG B 184 -9.30 -10.52 -0.41
N GLY B 185 -8.79 -11.63 0.12
CA GLY B 185 -7.66 -12.31 -0.47
C GLY B 185 -6.51 -12.47 0.53
N THR B 186 -5.30 -12.51 -0.04
CA THR B 186 -4.12 -12.89 0.72
C THR B 186 -2.91 -12.13 0.17
N MET B 187 -2.05 -11.67 1.06
CA MET B 187 -0.78 -11.06 0.66
C MET B 187 0.35 -11.69 1.46
N LEU B 188 1.33 -12.23 0.74
CA LEU B 188 2.57 -12.71 1.33
C LEU B 188 3.59 -11.59 1.27
N ARG B 189 4.28 -11.35 2.39
CA ARG B 189 5.37 -10.38 2.45
C ARG B 189 6.65 -11.15 2.73
N LEU B 190 7.52 -11.26 1.73
CA LEU B 190 8.73 -12.08 1.80
C LEU B 190 9.90 -11.18 2.18
N PHE B 191 10.46 -11.37 3.37
CA PHE B 191 11.64 -10.62 3.80
C PHE B 191 12.86 -11.31 3.21
N LEU B 192 13.35 -10.79 2.09
CA LEU B 192 14.33 -11.50 1.28
C LEU B 192 15.69 -11.54 1.95
N LYS B 193 16.40 -12.66 1.75
CA LYS B 193 17.78 -12.80 2.16
C LYS B 193 18.65 -11.78 1.43
N GLU B 194 19.82 -11.49 2.00
CA GLU B 194 20.66 -10.42 1.49
C GLU B 194 21.23 -10.75 0.11
N ASP B 195 21.42 -12.02 -0.22
CA ASP B 195 21.93 -12.40 -1.53
C ASP B 195 20.83 -12.68 -2.55
N GLN B 196 19.56 -12.48 -2.20
CA GLN B 196 18.44 -12.76 -3.09
C GLN B 196 17.66 -11.50 -3.45
N LEU B 197 18.28 -10.33 -3.33
CA LEU B 197 17.59 -9.08 -3.59
C LEU B 197 17.40 -8.81 -5.08
N GLU B 198 17.85 -9.72 -5.95
CA GLU B 198 17.57 -9.60 -7.37
C GLU B 198 16.07 -9.63 -7.66
N TYR B 199 15.30 -10.25 -6.78
CA TYR B 199 13.86 -10.39 -6.97
C TYR B 199 13.08 -9.13 -6.62
N LEU B 200 13.76 -8.02 -6.31
CA LEU B 200 13.14 -6.72 -6.20
C LEU B 200 13.20 -5.92 -7.49
N GLU B 201 13.97 -6.37 -8.47
CA GLU B 201 14.19 -5.62 -9.71
C GLU B 201 13.11 -5.96 -10.73
N GLU B 202 12.63 -4.92 -11.43
CA GLU B 202 11.55 -5.10 -12.40
C GLU B 202 11.93 -6.09 -13.49
N LYS B 203 13.14 -5.98 -14.03
CA LYS B 203 13.53 -6.83 -15.15
C LYS B 203 13.60 -8.30 -14.73
N ARG B 204 14.11 -8.57 -13.53
CA ARG B 204 14.24 -9.95 -13.08
C ARG B 204 12.87 -10.59 -12.86
N ILE B 205 11.94 -9.86 -12.25
CA ILE B 205 10.61 -10.39 -12.00
C ILE B 205 9.90 -10.68 -13.32
N LYS B 206 9.97 -9.75 -14.27
CA LYS B 206 9.32 -9.98 -15.56
C LYS B 206 9.87 -11.23 -16.23
N GLU B 207 11.18 -11.46 -16.14
CA GLU B 207 11.77 -12.67 -16.72
C GLU B 207 11.16 -13.92 -16.11
N VAL B 208 11.12 -13.97 -14.78
CA VAL B 208 10.63 -15.16 -14.07
C VAL B 208 9.16 -15.38 -14.38
N VAL B 209 8.37 -14.31 -14.40
CA VAL B 209 6.94 -14.44 -14.66
C VAL B 209 6.69 -14.96 -16.07
N LYS B 210 7.35 -14.36 -17.05
CA LYS B 210 7.17 -14.79 -18.43
C LYS B 210 7.68 -16.20 -18.65
N LYS B 211 8.73 -16.59 -17.93
CA LYS B 211 9.33 -17.91 -18.11
C LYS B 211 8.48 -19.02 -17.53
N HIS B 212 7.88 -18.81 -16.35
CA HIS B 212 7.22 -19.88 -15.63
C HIS B 212 5.73 -19.69 -15.34
N SER B 213 5.17 -18.52 -15.60
CA SER B 213 3.76 -18.25 -15.27
C SER B 213 2.97 -17.76 -16.49
N GLU B 214 3.32 -18.26 -17.67
CA GLU B 214 2.71 -17.82 -18.92
C GLU B 214 1.24 -18.22 -19.06
N PHE B 215 0.77 -19.22 -18.33
CA PHE B 215 -0.58 -19.74 -18.53
C PHE B 215 -1.49 -19.57 -17.33
N VAL B 216 -1.51 -18.35 -16.80
CA VAL B 216 -2.37 -17.98 -15.67
C VAL B 216 -3.56 -17.21 -16.20
N ALA B 217 -4.76 -17.57 -15.74
CA ALA B 217 -5.99 -17.02 -16.29
C ALA B 217 -6.25 -15.59 -15.83
N TYR B 218 -5.47 -15.08 -14.88
CA TYR B 218 -5.69 -13.78 -14.28
C TYR B 218 -4.54 -12.83 -14.58
N PRO B 219 -4.79 -11.53 -14.56
CA PRO B 219 -3.71 -10.57 -14.76
C PRO B 219 -2.68 -10.63 -13.63
N ILE B 220 -1.41 -10.67 -14.01
CA ILE B 220 -0.31 -10.58 -13.06
C ILE B 220 0.25 -9.17 -13.18
N GLN B 221 0.03 -8.36 -12.15
CA GLN B 221 0.39 -6.96 -12.16
C GLN B 221 1.69 -6.75 -11.42
N LEU B 222 2.57 -5.93 -11.99
CA LEU B 222 3.83 -5.59 -11.36
C LEU B 222 3.82 -4.12 -11.01
N VAL B 223 4.08 -3.82 -9.74
CA VAL B 223 4.10 -2.46 -9.22
C VAL B 223 5.55 -1.99 -9.22
N VAL B 224 5.85 -0.97 -10.01
CA VAL B 224 7.22 -0.46 -10.16
CA VAL B 224 7.22 -0.46 -10.16
C VAL B 224 7.24 1.00 -9.76
N THR B 225 8.17 1.35 -8.86
CA THR B 225 8.36 2.70 -8.38
C THR B 225 9.52 3.33 -9.12
N LYS B 226 9.28 4.48 -9.75
CA LYS B 226 10.30 5.17 -10.51
C LYS B 226 10.31 6.64 -10.14
N GLU B 227 11.50 7.16 -9.85
CA GLU B 227 11.64 8.57 -9.58
C GLU B 227 11.42 9.40 -10.85
N VAL B 228 10.60 10.44 -10.72
CA VAL B 228 10.31 11.35 -11.82
C VAL B 228 11.51 12.26 -12.04
N GLU B 229 11.83 12.48 -13.32
CA GLU B 229 12.89 13.41 -13.68
C GLU B 229 12.32 14.81 -13.51
N LYS B 230 12.78 15.50 -12.47
CA LYS B 230 12.25 16.80 -12.07
C LYS B 230 12.65 17.95 -12.97
#